data_1E3K
#
_entry.id   1E3K
#
_cell.length_a   58.402
_cell.length_b   65.011
_cell.length_c   71.181
_cell.angle_alpha   90.00
_cell.angle_beta   95.65
_cell.angle_gamma   90.00
#
_symmetry.space_group_name_H-M   'P 1 21 1'
#
loop_
_entity.id
_entity.type
_entity.pdbx_description
1 polymer 'PROGESTERONE RECEPTOR'
2 non-polymer (17BETA)-17-HYDROXY-17-METHYLESTRA-4,9,11-TRIEN-3-ONE
3 water water
#
_entity_poly.entity_id   1
_entity_poly.type   'polypeptide(L)'
_entity_poly.pdbx_seq_one_letter_code
;SPGQDIQLIPPLINLLMSIEPDVIYAGHDNTKPDTSSSLLTSLNQLGERQLLSVVKWSKSLPGFRNLHIDDQITLIQYSW
MSLMVFGLGWRSYKHVSGQMLYFAPDLILNEQRMKESSFYSLCLTMWQIPQEFVKLQVSQEEFLCMKVLLLLNTIPLEGL
RSQTQFEEMRSSYIRELIKAIGLRQKGVVSSSQRFYQLTKLLDNLHDLVKQLHLYCLNTFIQSRALSVEFPEMMSEVIAA
QLPKILAGMVKPLLFHKK
;
_entity_poly.pdbx_strand_id   A,B
#
loop_
_chem_comp.id
_chem_comp.type
_chem_comp.name
_chem_comp.formula
R18 non-polymer (17BETA)-17-HYDROXY-17-METHYLESTRA-4,9,11-TRIEN-3-ONE 'C19 H24 O2'
#
# COMPACT_ATOMS: atom_id res chain seq x y z
N GLN A 7 -35.37 29.77 2.07
CA GLN A 7 -36.66 29.74 1.32
C GLN A 7 -36.39 29.59 -0.18
N LEU A 8 -35.17 29.90 -0.57
CA LEU A 8 -34.53 29.42 -1.76
C LEU A 8 -33.60 28.27 -1.44
N ILE A 9 -33.18 28.03 -0.20
CA ILE A 9 -32.24 26.93 0.11
C ILE A 9 -33.13 25.70 0.25
N PRO A 10 -32.86 24.77 -0.67
CA PRO A 10 -33.44 23.46 -0.50
C PRO A 10 -33.15 22.86 0.89
N PRO A 11 -34.25 22.26 1.42
CA PRO A 11 -34.31 21.88 2.83
C PRO A 11 -33.25 21.00 3.45
N LEU A 12 -32.76 19.97 2.80
CA LEU A 12 -31.53 19.23 3.05
C LEU A 12 -30.29 20.09 3.15
N ILE A 13 -30.12 21.03 2.23
CA ILE A 13 -28.99 21.95 2.23
C ILE A 13 -29.19 22.72 3.52
N ASN A 14 -30.30 22.96 4.17
CA ASN A 14 -30.26 23.71 5.39
C ASN A 14 -29.92 22.76 6.53
N LEU A 15 -30.31 21.49 6.35
CA LEU A 15 -30.04 20.50 7.38
C LEU A 15 -28.54 20.26 7.29
N LEU A 16 -27.92 20.03 6.14
CA LEU A 16 -26.49 20.04 6.02
C LEU A 16 -25.87 21.16 6.82
N MET A 17 -26.21 22.41 6.61
CA MET A 17 -25.76 23.53 7.40
C MET A 17 -25.68 23.12 8.86
N SER A 18 -26.89 22.88 9.42
CA SER A 18 -27.10 22.75 10.85
C SER A 18 -26.31 21.60 11.40
N ILE A 19 -26.06 20.55 10.68
CA ILE A 19 -25.47 19.37 11.35
C ILE A 19 -23.96 19.50 11.28
N GLU A 20 -23.46 20.36 10.39
CA GLU A 20 -22.05 20.69 10.42
C GLU A 20 -21.53 20.95 11.86
N PRO A 21 -20.44 20.24 12.20
CA PRO A 21 -19.75 20.33 13.42
C PRO A 21 -19.30 21.69 13.83
N ASP A 22 -19.17 22.05 15.10
CA ASP A 22 -18.39 23.21 15.54
C ASP A 22 -16.84 23.09 15.56
N VAL A 23 -16.06 24.16 15.57
CA VAL A 23 -14.69 24.20 15.11
C VAL A 23 -13.95 23.36 16.12
N ILE A 24 -12.97 22.62 15.70
CA ILE A 24 -12.15 21.76 16.55
C ILE A 24 -10.75 22.40 16.63
N TYR A 25 -10.33 22.69 17.83
CA TYR A 25 -8.94 23.07 18.10
C TYR A 25 -8.05 21.87 18.13
N ALA A 26 -6.76 22.04 17.98
CA ALA A 26 -5.71 21.07 18.07
C ALA A 26 -5.18 20.94 19.49
N GLY A 27 -5.43 21.88 20.36
CA GLY A 27 -4.80 21.95 21.65
C GLY A 27 -3.28 22.00 21.59
N HIS A 28 -2.70 22.83 20.76
CA HIS A 28 -1.35 22.77 20.27
C HIS A 28 -0.50 23.77 21.04
N ASP A 29 0.70 23.40 21.52
CA ASP A 29 1.34 24.15 22.60
C ASP A 29 1.78 25.55 22.19
N ASN A 30 2.11 25.88 20.97
CA ASN A 30 2.37 27.14 20.33
C ASN A 30 3.47 27.94 21.03
N THR A 31 3.36 28.12 22.35
CA THR A 31 4.50 28.32 23.20
C THR A 31 5.83 28.10 22.47
N LYS A 32 6.26 26.83 22.55
CA LYS A 32 7.66 26.57 22.19
C LYS A 32 7.80 25.99 20.78
N PRO A 33 9.00 26.26 20.23
CA PRO A 33 9.32 26.08 18.85
C PRO A 33 9.09 24.71 18.26
N ASP A 34 8.17 24.71 17.29
CA ASP A 34 7.80 23.53 16.52
C ASP A 34 9.01 22.59 16.36
N THR A 35 8.95 21.33 16.75
CA THR A 35 9.88 20.40 16.06
C THR A 35 9.06 19.62 15.05
N SER A 36 9.64 18.77 14.25
CA SER A 36 8.77 18.15 13.22
C SER A 36 7.99 16.99 13.78
N SER A 37 8.40 16.33 14.84
CA SER A 37 7.64 15.39 15.63
C SER A 37 6.47 15.93 16.43
N SER A 38 6.69 17.13 17.02
CA SER A 38 5.60 17.77 17.77
C SER A 38 4.35 18.23 16.96
N LEU A 39 4.61 18.79 15.79
CA LEU A 39 3.71 19.17 14.81
C LEU A 39 2.92 17.97 14.32
N LEU A 40 3.58 16.92 13.89
CA LEU A 40 3.08 15.64 13.55
C LEU A 40 2.23 15.10 14.66
N THR A 41 2.73 15.11 15.87
CA THR A 41 1.84 14.76 16.99
C THR A 41 0.68 15.63 17.18
N SER A 42 0.68 16.91 17.04
CA SER A 42 -0.52 17.77 17.18
C SER A 42 -1.56 17.48 16.12
N LEU A 43 -1.06 17.44 14.89
CA LEU A 43 -1.82 17.04 13.76
C LEU A 43 -2.71 15.86 14.11
N ASN A 44 -2.23 14.87 14.82
CA ASN A 44 -2.85 13.61 15.04
C ASN A 44 -3.95 13.83 16.04
N GLN A 45 -3.55 14.54 17.09
CA GLN A 45 -4.46 14.76 18.22
C GLN A 45 -5.62 15.47 17.61
N LEU A 46 -5.24 16.49 16.76
CA LEU A 46 -6.24 17.20 15.99
C LEU A 46 -7.11 16.29 15.13
N GLY A 47 -6.67 15.32 14.41
CA GLY A 47 -7.18 14.24 13.65
C GLY A 47 -8.10 13.33 14.48
N GLU A 48 -7.61 12.80 15.62
CA GLU A 48 -8.50 12.26 16.60
C GLU A 48 -9.74 13.09 16.85
N ARG A 49 -9.75 14.34 17.19
CA ARG A 49 -10.84 15.19 17.55
C ARG A 49 -11.74 15.42 16.33
N GLN A 50 -11.24 15.23 15.15
CA GLN A 50 -11.98 15.39 13.96
C GLN A 50 -12.65 14.09 13.61
N LEU A 51 -12.21 12.93 13.96
CA LEU A 51 -12.92 11.69 13.64
C LEU A 51 -14.04 11.41 14.62
N LEU A 52 -13.94 11.78 15.88
CA LEU A 52 -15.09 11.90 16.75
C LEU A 52 -16.15 12.84 16.11
N SER A 53 -15.72 13.96 15.53
CA SER A 53 -16.68 14.91 15.01
C SER A 53 -17.30 14.33 13.76
N VAL A 54 -16.57 13.54 13.00
CA VAL A 54 -17.20 12.81 11.90
C VAL A 54 -18.20 11.72 12.28
N VAL A 55 -17.94 11.09 13.45
CA VAL A 55 -18.95 10.13 13.81
C VAL A 55 -20.22 10.79 14.26
N LYS A 56 -20.05 11.79 15.12
CA LYS A 56 -21.24 12.55 15.50
C LYS A 56 -22.01 13.05 14.29
N TRP A 57 -21.26 13.58 13.31
CA TRP A 57 -21.81 14.24 12.13
C TRP A 57 -22.58 13.14 11.37
N SER A 58 -21.94 12.08 11.01
CA SER A 58 -22.66 10.98 10.40
C SER A 58 -23.97 10.52 11.08
N LYS A 59 -24.17 10.51 12.36
CA LYS A 59 -25.32 10.08 13.09
C LYS A 59 -26.54 11.00 12.87
N SER A 60 -26.49 12.23 12.43
CA SER A 60 -27.49 13.07 12.01
C SER A 60 -27.64 13.26 10.50
N LEU A 61 -26.91 12.58 9.69
CA LEU A 61 -26.96 12.98 8.27
C LEU A 61 -28.02 12.05 7.68
N PRO A 62 -28.94 12.71 6.94
CA PRO A 62 -30.17 12.00 6.50
C PRO A 62 -29.88 10.78 5.69
N GLY A 63 -30.24 9.57 6.01
CA GLY A 63 -29.88 8.37 5.33
C GLY A 63 -28.72 7.62 5.86
N PHE A 64 -27.60 8.16 6.37
CA PHE A 64 -26.48 7.41 6.87
C PHE A 64 -26.92 6.31 7.82
N ARG A 65 -27.76 6.55 8.78
CA ARG A 65 -28.03 5.51 9.78
C ARG A 65 -28.98 4.43 9.34
N ASN A 66 -29.45 4.31 8.13
CA ASN A 66 -30.34 3.28 7.70
C ASN A 66 -29.52 2.40 6.79
N LEU A 67 -28.24 2.69 6.56
CA LEU A 67 -27.32 1.54 6.23
C LEU A 67 -27.02 0.71 7.48
N HIS A 68 -26.77 -0.55 7.25
CA HIS A 68 -26.15 -1.51 8.17
C HIS A 68 -24.92 -1.03 8.92
N ILE A 69 -24.87 -1.20 10.25
CA ILE A 69 -23.79 -0.76 11.09
C ILE A 69 -22.41 -0.81 10.39
N ASP A 70 -22.08 -1.93 9.88
CA ASP A 70 -20.88 -2.34 9.25
C ASP A 70 -20.30 -1.40 8.19
N ASP A 71 -21.09 -1.23 7.21
CA ASP A 71 -21.14 -0.35 6.14
C ASP A 71 -20.92 1.12 6.52
N GLN A 72 -21.50 1.62 7.58
CA GLN A 72 -21.28 2.87 8.23
C GLN A 72 -19.90 2.93 8.86
N ILE A 73 -19.46 1.85 9.50
CA ILE A 73 -18.07 1.70 9.86
C ILE A 73 -17.09 1.61 8.67
N THR A 74 -17.30 0.80 7.67
CA THR A 74 -16.50 0.83 6.48
C THR A 74 -16.42 2.15 5.81
N LEU A 75 -17.46 2.85 5.39
CA LEU A 75 -17.36 4.17 4.74
C LEU A 75 -16.70 5.21 5.65
N ILE A 76 -16.94 5.28 6.96
CA ILE A 76 -16.06 6.26 7.63
C ILE A 76 -14.61 5.86 7.58
N GLN A 77 -14.13 4.72 7.95
CA GLN A 77 -12.82 4.16 7.98
C GLN A 77 -12.25 4.50 6.60
N TYR A 78 -12.90 4.17 5.55
CA TYR A 78 -12.53 4.57 4.23
C TYR A 78 -12.65 6.01 3.83
N SER A 79 -13.23 7.00 4.44
CA SER A 79 -13.14 8.37 3.95
C SER A 79 -12.39 9.39 4.83
N TRP A 80 -11.69 9.01 5.89
CA TRP A 80 -11.58 10.04 6.95
C TRP A 80 -10.47 10.97 6.44
N MET A 81 -9.32 10.42 6.01
CA MET A 81 -8.39 11.22 5.29
C MET A 81 -9.16 12.20 4.35
N SER A 82 -9.89 11.73 3.39
CA SER A 82 -10.40 12.50 2.29
C SER A 82 -11.36 13.59 2.77
N LEU A 83 -12.18 13.38 3.73
CA LEU A 83 -12.82 14.31 4.57
C LEU A 83 -12.08 15.33 5.37
N MET A 84 -11.05 15.24 6.13
CA MET A 84 -10.06 15.95 6.76
C MET A 84 -9.40 16.91 5.77
N VAL A 85 -9.01 16.25 4.68
CA VAL A 85 -8.33 17.09 3.66
C VAL A 85 -9.16 18.14 2.98
N PHE A 86 -10.34 17.84 2.52
CA PHE A 86 -11.44 18.57 2.02
C PHE A 86 -11.84 19.82 2.80
N GLY A 87 -11.92 19.73 4.09
CA GLY A 87 -12.40 20.75 4.98
C GLY A 87 -11.26 21.55 5.48
N LEU A 88 -10.04 21.01 5.52
CA LEU A 88 -8.87 21.87 5.56
C LEU A 88 -9.00 22.71 4.28
N GLY A 89 -9.02 22.22 3.07
CA GLY A 89 -9.45 23.03 1.95
C GLY A 89 -10.43 24.15 2.29
N TRP A 90 -11.65 23.81 2.64
CA TRP A 90 -12.80 24.57 2.87
C TRP A 90 -12.33 25.65 3.81
N ARG A 91 -12.05 25.28 5.02
CA ARG A 91 -11.65 26.23 6.04
C ARG A 91 -10.42 27.05 5.64
N SER A 92 -9.53 26.64 4.78
CA SER A 92 -8.38 27.42 4.38
C SER A 92 -8.79 28.59 3.46
N TYR A 93 -9.62 28.14 2.50
CA TYR A 93 -10.37 29.00 1.64
C TYR A 93 -11.24 29.95 2.40
N LYS A 94 -12.02 29.62 3.34
CA LYS A 94 -12.86 30.56 4.01
C LYS A 94 -12.14 31.57 4.86
N HIS A 95 -11.17 31.29 5.72
CA HIS A 95 -10.72 32.34 6.59
C HIS A 95 -9.33 32.85 6.29
N VAL A 96 -8.50 32.38 5.44
CA VAL A 96 -7.17 32.91 5.26
C VAL A 96 -6.94 32.97 3.74
N SER A 97 -7.97 33.14 2.97
CA SER A 97 -7.95 33.36 1.58
C SER A 97 -7.33 32.28 0.74
N GLY A 98 -7.23 31.05 1.25
CA GLY A 98 -6.56 29.91 0.64
C GLY A 98 -5.04 30.07 0.64
N GLN A 99 -4.53 31.01 1.42
CA GLN A 99 -3.13 31.42 1.36
C GLN A 99 -2.26 30.92 2.51
N MET A 100 -2.64 30.08 3.42
CA MET A 100 -2.18 29.53 4.62
C MET A 100 -3.02 28.28 4.87
N LEU A 101 -2.57 27.21 5.47
CA LEU A 101 -3.33 26.01 5.74
C LEU A 101 -3.96 26.09 7.12
N TYR A 102 -5.30 26.14 7.18
CA TYR A 102 -6.02 26.41 8.40
C TYR A 102 -6.47 25.08 8.99
N PHE A 103 -5.54 24.18 9.33
CA PHE A 103 -5.79 23.07 10.21
C PHE A 103 -6.79 23.27 11.35
N ALA A 104 -6.73 24.21 12.24
CA ALA A 104 -7.49 24.66 13.32
C ALA A 104 -7.20 26.10 13.71
N PRO A 105 -8.13 26.69 14.44
CA PRO A 105 -7.93 28.04 14.99
C PRO A 105 -6.60 28.14 15.67
N ASP A 106 -6.19 27.27 16.53
CA ASP A 106 -4.92 27.17 17.17
C ASP A 106 -3.84 26.45 16.41
N LEU A 107 -4.02 26.04 15.19
CA LEU A 107 -2.98 25.56 14.35
C LEU A 107 -3.08 25.97 12.89
N ILE A 108 -2.47 27.09 12.48
CA ILE A 108 -2.48 27.67 11.12
C ILE A 108 -1.20 27.61 10.34
N LEU A 109 -0.87 26.91 9.31
CA LEU A 109 0.49 26.86 8.81
C LEU A 109 0.73 27.77 7.62
N ASN A 110 1.60 28.74 7.83
CA ASN A 110 2.19 29.51 6.73
C ASN A 110 3.51 28.87 6.21
N GLU A 111 4.12 29.53 5.24
CA GLU A 111 5.19 28.99 4.42
C GLU A 111 6.51 28.79 5.17
N GLN A 112 6.75 29.72 6.08
CA GLN A 112 7.76 29.72 7.08
C GLN A 112 7.66 28.33 7.68
N ARG A 113 6.94 28.24 8.77
CA ARG A 113 6.47 27.00 9.39
C ARG A 113 6.51 25.67 8.68
N MET A 114 6.40 25.38 7.39
CA MET A 114 6.65 24.03 6.88
C MET A 114 8.07 24.03 6.28
N LYS A 115 8.94 24.94 6.74
CA LYS A 115 10.34 24.93 6.43
C LYS A 115 11.05 23.58 6.68
N GLU A 116 11.18 23.27 7.98
CA GLU A 116 11.50 21.88 8.29
C GLU A 116 10.72 21.09 7.26
N SER A 117 11.29 20.35 6.32
CA SER A 117 10.35 19.56 5.53
C SER A 117 9.67 18.46 6.33
N SER A 118 10.30 17.29 6.19
CA SER A 118 9.64 16.06 5.91
C SER A 118 8.47 16.16 4.94
N PHE A 119 7.44 16.83 5.21
CA PHE A 119 6.14 17.32 5.15
C PHE A 119 5.85 18.68 4.53
N TYR A 120 6.89 19.22 3.91
CA TYR A 120 6.93 20.48 3.27
C TYR A 120 6.10 20.05 2.06
N SER A 121 6.68 19.12 1.35
CA SER A 121 6.21 18.56 0.09
C SER A 121 4.76 18.08 0.11
N LEU A 122 4.43 17.53 1.28
CA LEU A 122 3.07 17.05 1.50
C LEU A 122 2.23 18.28 1.75
N CYS A 123 2.61 19.17 2.62
CA CYS A 123 1.80 20.37 2.72
C CYS A 123 1.60 21.13 1.42
N LEU A 124 2.47 21.09 0.44
CA LEU A 124 2.25 21.61 -0.89
C LEU A 124 0.98 20.99 -1.46
N THR A 125 0.98 19.67 -1.40
CA THR A 125 -0.13 18.89 -1.94
C THR A 125 -1.48 19.00 -1.28
N MET A 126 -1.64 19.05 0.00
CA MET A 126 -2.77 19.52 0.74
C MET A 126 -3.17 20.89 0.20
N TRP A 127 -2.28 21.90 0.08
CA TRP A 127 -2.54 23.18 -0.45
C TRP A 127 -3.23 23.32 -1.82
N GLN A 128 -3.27 22.25 -2.61
CA GLN A 128 -3.91 22.25 -3.92
C GLN A 128 -5.44 22.48 -3.83
N ILE A 129 -6.05 21.99 -2.76
CA ILE A 129 -7.44 21.94 -2.60
C ILE A 129 -7.96 23.33 -2.36
N PRO A 130 -7.46 24.11 -1.44
CA PRO A 130 -7.99 25.46 -1.21
C PRO A 130 -7.66 26.32 -2.38
N GLN A 131 -6.71 26.11 -3.23
CA GLN A 131 -6.42 26.77 -4.44
C GLN A 131 -7.53 26.56 -5.43
N GLU A 132 -7.99 25.30 -5.51
CA GLU A 132 -8.98 24.94 -6.52
C GLU A 132 -10.32 25.50 -6.13
N PHE A 133 -10.57 25.78 -4.90
CA PHE A 133 -11.77 26.29 -4.30
C PHE A 133 -11.91 27.79 -4.52
N VAL A 134 -10.82 28.50 -4.36
CA VAL A 134 -10.53 29.87 -4.69
C VAL A 134 -10.71 29.97 -6.17
N LYS A 135 -10.08 29.05 -6.88
CA LYS A 135 -10.19 29.06 -8.33
C LYS A 135 -11.64 28.89 -8.66
N LEU A 136 -12.36 27.92 -8.06
CA LEU A 136 -13.70 27.64 -8.59
C LEU A 136 -14.77 28.53 -7.98
N GLN A 137 -14.44 29.29 -6.98
CA GLN A 137 -15.31 30.04 -6.10
C GLN A 137 -16.48 29.13 -5.74
N VAL A 138 -16.18 28.19 -4.83
CA VAL A 138 -17.02 27.21 -4.21
C VAL A 138 -17.78 27.83 -3.07
N SER A 139 -19.07 27.60 -3.15
CA SER A 139 -20.07 28.06 -2.23
C SER A 139 -20.24 27.10 -1.07
N GLN A 140 -20.78 27.57 0.00
CA GLN A 140 -21.16 26.70 1.09
C GLN A 140 -22.08 25.53 0.83
N GLU A 141 -23.08 25.66 0.00
CA GLU A 141 -24.07 24.69 -0.33
C GLU A 141 -23.27 23.71 -1.16
N GLU A 142 -22.36 24.09 -2.04
CA GLU A 142 -21.86 23.05 -2.93
C GLU A 142 -20.94 22.19 -2.08
N PHE A 143 -20.06 22.75 -1.31
CA PHE A 143 -19.28 22.17 -0.27
C PHE A 143 -20.04 21.17 0.63
N LEU A 144 -21.20 21.52 1.18
CA LEU A 144 -21.88 20.65 2.06
C LEU A 144 -22.24 19.35 1.37
N CYS A 145 -22.76 19.37 0.15
CA CYS A 145 -23.19 18.37 -0.70
C CYS A 145 -21.97 17.63 -1.21
N MET A 146 -20.81 18.16 -1.52
CA MET A 146 -19.78 17.33 -2.13
C MET A 146 -19.13 16.61 -0.98
N LYS A 147 -19.12 17.24 0.18
CA LYS A 147 -18.45 16.50 1.27
C LYS A 147 -19.28 15.25 1.52
N VAL A 148 -20.66 15.25 1.58
CA VAL A 148 -21.41 14.01 1.78
C VAL A 148 -21.00 13.06 0.69
N LEU A 149 -20.85 13.53 -0.51
CA LEU A 149 -20.40 12.72 -1.60
C LEU A 149 -19.11 12.04 -1.25
N LEU A 150 -18.12 12.56 -0.53
CA LEU A 150 -16.87 11.85 -0.33
C LEU A 150 -16.99 10.79 0.76
N LEU A 151 -18.03 10.91 1.57
CA LEU A 151 -18.34 10.01 2.62
C LEU A 151 -18.89 8.76 1.90
N LEU A 152 -19.60 9.06 0.77
CA LEU A 152 -20.02 7.98 -0.05
C LEU A 152 -19.13 7.73 -1.24
N ASN A 153 -17.86 8.05 -1.27
CA ASN A 153 -17.00 7.89 -2.40
C ASN A 153 -16.33 6.61 -2.74
N THR A 154 -16.06 5.69 -1.90
CA THR A 154 -15.24 4.48 -2.05
C THR A 154 -15.96 3.30 -1.41
N ILE A 155 -16.21 2.16 -2.03
CA ILE A 155 -16.69 1.00 -1.26
C ILE A 155 -15.76 -0.19 -1.40
N PRO A 156 -15.89 -1.22 -0.57
CA PRO A 156 -15.28 -2.51 -0.81
C PRO A 156 -15.39 -3.05 -2.22
N LEU A 157 -14.42 -3.79 -2.71
CA LEU A 157 -14.57 -4.53 -3.96
C LEU A 157 -15.76 -5.45 -4.08
N GLU A 158 -16.28 -6.02 -3.00
CA GLU A 158 -17.45 -6.90 -2.91
C GLU A 158 -18.69 -6.05 -2.64
N GLY A 159 -18.62 -4.73 -2.73
CA GLY A 159 -19.55 -3.77 -2.28
C GLY A 159 -19.99 -3.80 -0.86
N LEU A 160 -21.05 -3.08 -0.51
CA LEU A 160 -21.60 -2.93 0.84
C LEU A 160 -22.60 -4.02 1.19
N ARG A 161 -22.93 -4.17 2.46
CA ARG A 161 -24.11 -4.91 2.87
C ARG A 161 -25.36 -4.18 2.41
N SER A 162 -25.66 -2.93 2.65
CA SER A 162 -26.80 -2.26 2.08
C SER A 162 -26.54 -1.54 0.75
N GLN A 163 -25.96 -2.22 -0.23
CA GLN A 163 -25.81 -1.57 -1.54
C GLN A 163 -27.01 -0.70 -1.93
N THR A 164 -28.14 -1.23 -2.25
CA THR A 164 -29.33 -0.51 -2.65
C THR A 164 -29.59 0.75 -1.88
N GLN A 165 -29.88 0.83 -0.59
CA GLN A 165 -29.92 2.07 0.18
C GLN A 165 -28.73 3.02 -0.05
N PHE A 166 -27.48 2.55 0.00
CA PHE A 166 -26.32 3.17 -0.45
C PHE A 166 -26.63 3.89 -1.75
N GLU A 167 -27.04 3.10 -2.72
CA GLU A 167 -27.00 3.71 -4.10
C GLU A 167 -28.06 4.81 -4.11
N GLU A 168 -29.17 4.62 -3.38
CA GLU A 168 -30.26 5.57 -3.24
C GLU A 168 -29.73 6.88 -2.65
N MET A 169 -28.94 6.68 -1.60
CA MET A 169 -28.43 7.80 -0.81
C MET A 169 -27.43 8.61 -1.63
N ARG A 170 -26.53 7.92 -2.34
CA ARG A 170 -25.63 8.52 -3.26
C ARG A 170 -26.46 9.29 -4.22
N SER A 171 -27.35 8.69 -5.00
CA SER A 171 -28.19 9.47 -5.90
C SER A 171 -28.92 10.72 -5.50
N SER A 172 -29.54 10.63 -4.36
CA SER A 172 -30.24 11.72 -3.71
C SER A 172 -29.34 12.80 -3.22
N TYR A 173 -28.10 12.59 -2.83
CA TYR A 173 -27.11 13.64 -2.80
C TYR A 173 -26.36 13.99 -4.07
N ILE A 174 -26.03 13.28 -5.08
CA ILE A 174 -25.68 13.82 -6.35
C ILE A 174 -26.63 14.92 -6.78
N ARG A 175 -27.94 14.72 -6.82
CA ARG A 175 -29.06 15.57 -7.10
C ARG A 175 -29.18 16.72 -6.09
N GLU A 176 -28.68 16.63 -4.87
CA GLU A 176 -28.71 17.80 -4.00
C GLU A 176 -27.70 18.87 -4.43
N LEU A 177 -26.58 18.45 -4.98
CA LEU A 177 -25.43 19.15 -5.54
C LEU A 177 -25.93 19.86 -6.80
N ILE A 178 -26.67 19.25 -7.73
CA ILE A 178 -27.30 19.85 -8.85
C ILE A 178 -28.31 20.89 -8.34
N LYS A 179 -29.08 20.67 -7.29
CA LYS A 179 -29.65 21.80 -6.58
C LYS A 179 -28.79 23.02 -6.22
N ALA A 180 -27.61 22.81 -5.64
CA ALA A 180 -26.85 23.90 -5.05
C ALA A 180 -26.22 24.65 -6.21
N ILE A 181 -25.78 23.91 -7.19
CA ILE A 181 -25.10 24.30 -8.39
C ILE A 181 -26.11 25.25 -9.02
N GLY A 182 -27.34 24.74 -9.20
CA GLY A 182 -28.45 25.58 -9.41
C GLY A 182 -28.76 26.86 -8.74
N LEU A 183 -28.29 27.23 -7.59
CA LEU A 183 -28.71 28.36 -6.78
C LEU A 183 -28.03 29.61 -7.33
N ARG A 184 -27.06 29.44 -8.19
CA ARG A 184 -26.20 30.43 -8.75
C ARG A 184 -25.90 30.16 -10.21
N GLN A 185 -25.45 28.98 -10.61
CA GLN A 185 -25.21 28.73 -12.03
C GLN A 185 -26.59 28.41 -12.60
N LYS A 186 -27.28 29.51 -12.93
CA LYS A 186 -28.37 29.56 -13.86
C LYS A 186 -27.80 29.64 -15.27
N GLY A 187 -27.33 28.52 -15.79
CA GLY A 187 -27.38 28.19 -17.20
C GLY A 187 -28.24 26.91 -17.31
N VAL A 188 -27.80 26.07 -18.24
CA VAL A 188 -28.18 24.69 -18.49
C VAL A 188 -26.96 24.07 -19.21
N VAL A 189 -26.30 24.96 -19.90
CA VAL A 189 -24.91 24.86 -20.35
C VAL A 189 -23.95 25.04 -19.19
N SER A 190 -24.01 26.18 -18.48
CA SER A 190 -23.08 26.47 -17.40
C SER A 190 -23.24 25.50 -16.23
N SER A 191 -24.45 25.44 -15.67
CA SER A 191 -24.78 24.44 -14.68
C SER A 191 -24.21 23.06 -14.97
N SER A 192 -24.30 22.48 -16.13
CA SER A 192 -23.62 21.29 -16.58
C SER A 192 -22.10 21.31 -16.38
N GLN A 193 -21.44 22.38 -16.79
CA GLN A 193 -19.99 22.31 -16.94
C GLN A 193 -19.44 22.32 -15.51
N ARG A 194 -20.16 22.98 -14.62
CA ARG A 194 -19.97 23.23 -13.22
C ARG A 194 -20.04 21.92 -12.46
N PHE A 195 -21.10 21.18 -12.72
CA PHE A 195 -21.28 19.83 -12.30
C PHE A 195 -20.06 19.01 -12.72
N TYR A 196 -19.70 19.05 -13.98
CA TYR A 196 -18.57 18.35 -14.53
C TYR A 196 -17.38 18.70 -13.63
N GLN A 197 -17.19 19.97 -13.41
CA GLN A 197 -16.09 20.54 -12.69
C GLN A 197 -16.00 20.26 -11.21
N LEU A 198 -17.17 20.29 -10.57
CA LEU A 198 -17.26 19.92 -9.18
C LEU A 198 -17.14 18.42 -8.98
N THR A 199 -17.57 17.59 -9.93
CA THR A 199 -17.20 16.17 -9.93
C THR A 199 -15.79 15.85 -10.39
N LYS A 200 -15.12 16.19 -11.47
CA LYS A 200 -13.68 16.02 -11.57
C LYS A 200 -12.91 16.41 -10.32
N LEU A 201 -13.29 17.42 -9.57
CA LEU A 201 -12.53 17.93 -8.43
C LEU A 201 -12.51 16.81 -7.38
N LEU A 202 -13.67 16.19 -7.21
CA LEU A 202 -13.70 15.05 -6.34
C LEU A 202 -12.95 13.85 -6.89
N ASP A 203 -13.09 13.52 -8.15
CA ASP A 203 -12.50 12.40 -8.84
C ASP A 203 -10.97 12.51 -8.66
N ASN A 204 -10.49 13.75 -8.69
CA ASN A 204 -9.13 14.11 -8.45
C ASN A 204 -8.55 13.95 -7.07
N LEU A 205 -9.28 14.04 -5.97
CA LEU A 205 -8.67 13.90 -4.67
C LEU A 205 -8.43 12.44 -4.37
N HIS A 206 -8.86 11.45 -5.08
CA HIS A 206 -8.35 10.12 -4.86
C HIS A 206 -6.81 10.20 -4.73
N ASP A 207 -6.16 10.42 -5.86
CA ASP A 207 -4.75 10.42 -6.00
C ASP A 207 -4.10 11.28 -4.97
N LEU A 208 -4.54 12.51 -4.84
CA LEU A 208 -4.04 13.32 -3.70
C LEU A 208 -4.12 12.63 -2.34
N VAL A 209 -5.24 12.10 -1.87
CA VAL A 209 -5.41 11.21 -0.76
C VAL A 209 -4.45 10.03 -0.69
N LYS A 210 -4.11 9.39 -1.81
CA LYS A 210 -3.26 8.20 -1.73
C LYS A 210 -1.82 8.52 -1.34
N GLN A 211 -1.42 9.77 -1.48
CA GLN A 211 -0.29 10.39 -0.91
C GLN A 211 -0.41 10.74 0.55
N LEU A 212 -1.49 11.37 1.04
CA LEU A 212 -1.57 11.46 2.50
C LEU A 212 -1.35 10.04 3.01
N HIS A 213 -1.95 9.01 2.44
CA HIS A 213 -2.27 7.70 2.98
C HIS A 213 -1.00 6.91 3.31
N LEU A 214 -0.17 6.83 2.27
CA LEU A 214 1.19 6.33 2.21
C LEU A 214 2.19 7.05 3.09
N TYR A 215 2.08 8.33 3.18
CA TYR A 215 2.71 9.16 4.21
C TYR A 215 2.31 8.84 5.65
N CYS A 216 1.01 8.52 5.90
CA CYS A 216 0.45 8.38 7.23
C CYS A 216 0.79 6.92 7.67
N LEU A 217 0.80 6.02 6.66
CA LEU A 217 1.24 4.70 7.13
C LEU A 217 2.74 4.60 7.50
N ASN A 218 3.63 5.18 6.67
CA ASN A 218 5.04 5.16 6.97
C ASN A 218 5.31 6.05 8.17
N THR A 219 4.67 7.17 8.46
CA THR A 219 4.93 7.72 9.82
C THR A 219 4.37 6.85 10.93
N PHE A 220 3.30 6.08 10.60
CA PHE A 220 2.73 5.12 11.54
C PHE A 220 3.78 4.13 12.03
N ILE A 221 3.99 3.12 11.23
CA ILE A 221 5.10 2.25 11.23
C ILE A 221 6.39 2.83 11.75
N GLN A 222 7.03 3.93 11.37
CA GLN A 222 8.20 4.49 12.04
C GLN A 222 7.99 5.44 13.20
N SER A 223 6.90 5.35 13.95
CA SER A 223 6.44 6.37 14.91
C SER A 223 7.43 6.53 16.05
N ARG A 224 8.15 5.52 16.44
CA ARG A 224 8.88 5.39 17.67
C ARG A 224 10.30 5.87 17.45
N ALA A 225 10.62 5.58 16.19
CA ALA A 225 11.79 6.22 15.59
C ALA A 225 11.54 7.71 15.67
N LEU A 226 10.48 8.04 14.94
CA LEU A 226 9.97 9.35 14.69
C LEU A 226 9.59 10.14 15.89
N SER A 227 9.28 9.56 17.02
CA SER A 227 8.83 10.31 18.16
C SER A 227 7.44 10.88 18.03
N VAL A 228 6.63 10.35 17.13
CA VAL A 228 5.28 10.83 16.88
C VAL A 228 4.25 9.89 17.52
N GLU A 229 3.58 10.38 18.52
CA GLU A 229 2.34 9.83 18.99
C GLU A 229 1.11 9.94 18.09
N PHE A 230 0.63 8.73 17.62
CA PHE A 230 -0.78 8.59 17.22
C PHE A 230 -1.68 8.22 18.35
N PRO A 231 -2.79 8.85 18.63
CA PRO A 231 -3.86 8.27 19.44
C PRO A 231 -4.70 7.15 18.87
N GLU A 232 -5.23 6.50 19.89
CA GLU A 232 -6.15 5.35 19.82
C GLU A 232 -7.13 5.31 18.67
N MET A 233 -8.03 6.29 18.46
CA MET A 233 -9.06 6.05 17.49
C MET A 233 -8.52 5.95 16.11
N MET A 234 -7.69 6.86 15.75
CA MET A 234 -6.77 7.13 14.64
C MET A 234 -5.87 5.98 14.33
N SER A 235 -5.18 5.39 15.31
CA SER A 235 -4.39 4.15 15.22
C SER A 235 -5.10 2.92 14.65
N GLU A 236 -6.36 2.78 15.03
CA GLU A 236 -7.25 1.66 14.74
C GLU A 236 -7.72 1.75 13.33
N VAL A 237 -8.29 2.90 12.94
CA VAL A 237 -8.56 3.09 11.51
C VAL A 237 -7.32 2.95 10.63
N ILE A 238 -6.15 3.34 10.99
CA ILE A 238 -4.94 3.15 10.19
C ILE A 238 -4.58 1.70 10.02
N ALA A 239 -4.29 0.95 11.07
CA ALA A 239 -4.07 -0.50 11.09
C ALA A 239 -5.17 -1.26 10.35
N ALA A 240 -6.44 -1.07 10.75
CA ALA A 240 -7.53 -1.58 10.02
C ALA A 240 -7.47 -1.37 8.51
N GLN A 241 -7.23 -0.17 7.94
CA GLN A 241 -7.75 -0.10 6.55
C GLN A 241 -6.67 0.40 5.64
N LEU A 242 -5.53 0.83 6.23
CA LEU A 242 -4.70 1.71 5.38
C LEU A 242 -3.91 0.94 4.36
N PRO A 243 -3.35 -0.15 4.84
CA PRO A 243 -2.64 -1.12 4.01
C PRO A 243 -3.42 -1.68 2.86
N LYS A 244 -4.47 -2.45 3.03
CA LYS A 244 -5.61 -2.67 2.15
C LYS A 244 -6.06 -1.53 1.21
N ILE A 245 -6.38 -0.37 1.80
CA ILE A 245 -6.57 0.79 0.93
C ILE A 245 -5.37 1.01 0.05
N LEU A 246 -4.21 1.14 0.63
CA LEU A 246 -3.00 1.42 -0.16
C LEU A 246 -2.60 0.36 -1.16
N ALA A 247 -2.83 -0.90 -0.90
CA ALA A 247 -2.67 -1.92 -1.90
C ALA A 247 -3.69 -1.91 -3.00
N GLY A 248 -4.63 -0.98 -3.03
CA GLY A 248 -5.76 -0.86 -3.94
C GLY A 248 -6.80 -1.97 -3.98
N MET A 249 -7.02 -2.49 -2.80
CA MET A 249 -8.02 -3.55 -2.60
C MET A 249 -9.28 -2.93 -2.04
N VAL A 250 -9.86 -1.89 -2.63
CA VAL A 250 -11.04 -1.10 -2.58
C VAL A 250 -11.46 -0.53 -3.95
N LYS A 251 -12.74 -0.24 -4.08
CA LYS A 251 -13.41 0.30 -5.24
C LYS A 251 -13.63 1.80 -5.03
N PRO A 252 -12.90 2.53 -5.86
CA PRO A 252 -13.12 3.97 -5.99
C PRO A 252 -14.35 4.18 -6.87
N LEU A 253 -15.27 5.00 -6.37
CA LEU A 253 -16.39 5.39 -7.25
C LEU A 253 -15.91 6.51 -8.16
N LEU A 254 -15.94 6.32 -9.50
CA LEU A 254 -15.68 7.54 -10.27
C LEU A 254 -16.92 8.23 -10.78
N PHE A 255 -17.13 9.51 -10.62
CA PHE A 255 -17.86 10.38 -11.56
C PHE A 255 -17.42 10.38 -13.04
N HIS A 256 -16.14 10.48 -13.43
CA HIS A 256 -15.76 10.43 -14.83
C HIS A 256 -14.94 9.29 -15.38
N LYS A 257 -14.81 9.12 -16.71
CA LYS A 257 -14.24 7.86 -17.22
C LYS A 257 -12.95 8.02 -17.98
N LEU B 8 27.63 -27.03 -21.97
CA LEU B 8 28.31 -28.01 -21.13
C LEU B 8 27.90 -27.70 -19.69
N ILE B 9 28.01 -26.43 -19.47
CA ILE B 9 27.42 -25.54 -18.55
C ILE B 9 28.30 -24.29 -18.78
N PRO B 10 27.67 -23.33 -19.39
CA PRO B 10 28.09 -21.96 -19.35
C PRO B 10 28.66 -21.58 -18.01
N PRO B 11 29.80 -20.93 -18.16
CA PRO B 11 30.62 -20.53 -17.03
C PRO B 11 29.87 -19.99 -15.84
N LEU B 12 29.06 -18.99 -16.02
CA LEU B 12 28.28 -18.24 -15.04
C LEU B 12 27.26 -19.20 -14.46
N ILE B 13 26.78 -20.07 -15.34
CA ILE B 13 25.90 -21.12 -14.77
C ILE B 13 26.70 -21.92 -13.77
N ASN B 14 27.98 -22.24 -13.87
CA ASN B 14 28.60 -22.94 -12.76
C ASN B 14 28.84 -22.11 -11.52
N LEU B 15 29.07 -20.82 -11.82
CA LEU B 15 29.35 -19.83 -10.80
C LEU B 15 28.04 -19.60 -10.05
N LEU B 16 26.92 -19.55 -10.81
CA LEU B 16 25.72 -19.43 -9.95
C LEU B 16 25.66 -20.69 -9.14
N MET B 17 25.83 -21.89 -9.67
CA MET B 17 25.79 -23.06 -8.78
C MET B 17 26.61 -22.83 -7.52
N SER B 18 27.91 -22.71 -7.58
CA SER B 18 28.76 -22.53 -6.41
C SER B 18 28.49 -21.42 -5.44
N ILE B 19 28.00 -20.24 -5.79
CA ILE B 19 27.78 -19.20 -4.80
C ILE B 19 26.50 -19.41 -4.06
N GLU B 20 25.74 -20.41 -4.46
CA GLU B 20 24.42 -20.63 -3.91
C GLU B 20 24.52 -21.05 -2.48
N PRO B 21 23.91 -20.35 -1.55
CA PRO B 21 24.06 -20.60 -0.14
C PRO B 21 23.75 -22.01 0.28
N ASP B 22 24.13 -22.36 1.49
CA ASP B 22 23.77 -23.64 2.08
C ASP B 22 22.50 -23.65 2.90
N VAL B 23 21.78 -24.75 2.97
CA VAL B 23 20.41 -24.90 3.43
C VAL B 23 20.31 -24.28 4.80
N ILE B 24 19.20 -23.62 5.08
CA ILE B 24 18.96 -22.74 6.20
C ILE B 24 17.90 -23.41 7.06
N TYR B 25 18.17 -23.82 8.28
CA TYR B 25 17.17 -24.14 9.24
C TYR B 25 16.32 -23.01 9.76
N ALA B 26 15.12 -23.28 10.21
CA ALA B 26 14.31 -22.40 11.03
C ALA B 26 14.72 -22.35 12.50
N GLY B 27 15.44 -23.32 13.09
CA GLY B 27 15.46 -23.51 14.50
C GLY B 27 14.21 -23.85 15.30
N HIS B 28 13.20 -24.52 14.77
CA HIS B 28 11.80 -24.50 15.21
C HIS B 28 11.40 -25.68 16.10
N ASP B 29 10.39 -25.50 17.00
CA ASP B 29 10.36 -26.45 18.12
C ASP B 29 10.02 -27.83 17.55
N ASN B 30 8.94 -28.03 16.85
CA ASN B 30 8.54 -29.37 16.44
C ASN B 30 8.29 -30.37 17.55
N THR B 31 8.60 -30.23 18.83
CA THR B 31 7.94 -31.06 19.84
C THR B 31 6.57 -30.43 20.07
N LYS B 32 6.61 -29.10 20.30
CA LYS B 32 5.38 -28.41 20.68
C LYS B 32 4.31 -28.74 19.65
N PRO B 33 3.08 -28.54 20.09
CA PRO B 33 1.99 -28.38 19.14
C PRO B 33 1.84 -26.98 18.58
N ASP B 34 2.05 -26.83 17.28
CA ASP B 34 2.02 -25.58 16.54
C ASP B 34 1.00 -24.60 17.09
N THR B 35 1.30 -23.39 17.48
CA THR B 35 0.25 -22.37 17.62
C THR B 35 0.36 -21.44 16.44
N SER B 36 -0.57 -20.54 16.16
CA SER B 36 -0.51 -19.83 14.86
C SER B 36 0.62 -18.78 14.96
N SER B 37 0.73 -18.16 16.12
CA SER B 37 1.78 -17.18 16.26
C SER B 37 3.16 -17.84 16.30
N SER B 38 3.29 -19.09 16.74
CA SER B 38 4.58 -19.73 16.98
C SER B 38 5.11 -20.08 15.62
N LEU B 39 4.30 -20.65 14.77
CA LEU B 39 4.58 -20.84 13.35
C LEU B 39 5.01 -19.55 12.64
N LEU B 40 4.25 -18.48 12.83
CA LEU B 40 4.52 -17.23 12.18
C LEU B 40 5.83 -16.66 12.74
N THR B 41 5.94 -16.67 14.05
CA THR B 41 7.26 -16.38 14.63
C THR B 41 8.42 -17.28 14.24
N SER B 42 8.38 -18.47 13.76
CA SER B 42 9.40 -19.31 13.28
C SER B 42 9.78 -18.99 11.87
N LEU B 43 8.71 -18.80 11.08
CA LEU B 43 8.79 -18.28 9.72
C LEU B 43 9.68 -17.02 9.61
N ASN B 44 9.57 -16.08 10.52
CA ASN B 44 10.27 -14.84 10.44
C ASN B 44 11.72 -15.10 10.72
N GLN B 45 11.88 -15.63 11.93
CA GLN B 45 13.18 -16.24 12.29
C GLN B 45 13.88 -16.79 11.04
N LEU B 46 13.32 -17.89 10.46
CA LEU B 46 13.91 -18.43 9.25
C LEU B 46 14.06 -17.31 8.21
N GLY B 47 13.12 -16.39 8.03
CA GLY B 47 13.23 -15.25 7.22
C GLY B 47 14.43 -14.35 7.37
N GLU B 48 14.64 -13.93 8.61
CA GLU B 48 15.90 -13.25 8.98
C GLU B 48 17.09 -13.97 8.44
N ARG B 49 17.16 -15.31 8.61
CA ARG B 49 18.34 -16.13 8.31
C ARG B 49 18.51 -16.18 6.80
N GLN B 50 17.42 -15.96 6.09
CA GLN B 50 17.54 -16.06 4.65
C GLN B 50 18.07 -14.77 4.06
N LEU B 51 17.82 -13.64 4.69
CA LEU B 51 18.11 -12.32 4.15
C LEU B 51 19.62 -12.15 4.36
N LEU B 52 20.06 -12.52 5.60
CA LEU B 52 21.54 -12.66 5.72
C LEU B 52 22.10 -13.54 4.64
N SER B 53 21.53 -14.72 4.37
CA SER B 53 21.93 -15.50 3.21
C SER B 53 21.96 -14.79 1.86
N VAL B 54 20.93 -14.00 1.56
CA VAL B 54 20.88 -13.11 0.43
C VAL B 54 21.98 -12.05 0.35
N VAL B 55 22.35 -11.41 1.44
CA VAL B 55 23.31 -10.38 1.37
C VAL B 55 24.62 -10.99 0.99
N LYS B 56 24.97 -12.09 1.67
CA LYS B 56 26.27 -12.71 1.41
C LYS B 56 26.17 -13.30 0.00
N TRP B 57 24.99 -13.72 -0.43
CA TRP B 57 25.02 -14.26 -1.76
C TRP B 57 25.31 -13.19 -2.76
N SER B 58 24.66 -12.06 -2.73
CA SER B 58 24.83 -10.93 -3.65
C SER B 58 26.28 -10.40 -3.69
N LYS B 59 26.94 -10.46 -2.52
CA LYS B 59 28.32 -10.09 -2.40
C LYS B 59 29.23 -10.96 -3.26
N SER B 60 28.92 -12.15 -3.70
CA SER B 60 29.53 -12.83 -4.78
C SER B 60 28.87 -12.98 -6.13
N LEU B 61 27.63 -12.57 -6.35
CA LEU B 61 27.08 -12.47 -7.70
C LEU B 61 27.87 -11.55 -8.66
N PRO B 62 28.22 -12.13 -9.80
CA PRO B 62 29.06 -11.42 -10.74
C PRO B 62 28.34 -10.20 -11.27
N GLY B 63 28.71 -8.95 -11.00
CA GLY B 63 28.05 -7.72 -11.37
C GLY B 63 27.51 -7.06 -10.15
N PHE B 64 26.82 -7.74 -9.20
CA PHE B 64 26.09 -7.01 -8.18
C PHE B 64 26.89 -5.93 -7.49
N ARG B 65 28.22 -6.04 -7.37
CA ARG B 65 28.93 -5.22 -6.43
C ARG B 65 29.49 -4.02 -7.15
N ASN B 66 29.31 -3.95 -8.43
CA ASN B 66 29.61 -2.79 -9.26
C ASN B 66 28.43 -1.85 -9.34
N LEU B 67 27.25 -2.21 -8.83
CA LEU B 67 26.27 -1.18 -8.56
C LEU B 67 26.52 -0.30 -7.41
N HIS B 68 26.10 0.93 -7.43
CA HIS B 68 26.18 1.79 -6.28
C HIS B 68 25.78 1.10 -5.00
N ILE B 69 26.36 1.25 -3.85
CA ILE B 69 25.96 0.67 -2.59
C ILE B 69 24.46 0.64 -2.38
N ASP B 70 23.84 1.79 -2.58
CA ASP B 70 22.47 2.16 -2.26
C ASP B 70 21.44 1.42 -3.03
N ASP B 71 21.64 1.20 -4.30
CA ASP B 71 20.93 0.47 -5.25
C ASP B 71 20.98 -0.97 -4.92
N GLN B 72 22.08 -1.58 -4.63
CA GLN B 72 22.13 -2.94 -4.10
C GLN B 72 21.39 -3.06 -2.77
N ILE B 73 21.37 -2.06 -1.86
CA ILE B 73 20.39 -2.08 -0.80
C ILE B 73 18.97 -1.91 -1.30
N THR B 74 18.56 -0.99 -2.13
CA THR B 74 17.26 -1.02 -2.73
C THR B 74 16.86 -2.34 -3.37
N LEU B 75 17.68 -2.96 -4.23
CA LEU B 75 17.24 -4.18 -4.88
C LEU B 75 17.15 -5.41 -4.00
N ILE B 76 18.02 -5.42 -2.99
CA ILE B 76 17.65 -6.34 -1.89
C ILE B 76 16.40 -5.89 -1.17
N GLN B 77 16.20 -4.74 -0.60
CA GLN B 77 14.96 -4.46 0.14
C GLN B 77 13.66 -4.76 -0.56
N TYR B 78 13.48 -4.42 -1.81
CA TYR B 78 12.58 -4.72 -2.84
C TYR B 78 12.63 -6.17 -3.19
N SER B 79 13.54 -7.08 -3.22
CA SER B 79 13.22 -8.42 -3.73
C SER B 79 13.15 -9.48 -2.67
N TRP B 80 13.23 -9.18 -1.38
CA TRP B 80 13.31 -10.29 -0.46
C TRP B 80 12.10 -11.21 -0.62
N MET B 81 10.86 -10.77 -0.40
CA MET B 81 9.72 -11.63 -0.52
C MET B 81 9.87 -12.55 -1.71
N SER B 82 10.03 -12.01 -2.92
CA SER B 82 9.90 -12.82 -4.13
C SER B 82 11.04 -13.86 -4.12
N LEU B 83 12.26 -13.42 -3.72
CA LEU B 83 13.32 -14.33 -3.53
C LEU B 83 12.95 -15.50 -2.61
N MET B 84 12.52 -15.34 -1.39
CA MET B 84 12.04 -16.30 -0.42
C MET B 84 10.93 -17.23 -0.89
N VAL B 85 10.01 -16.60 -1.63
CA VAL B 85 8.98 -17.37 -2.25
C VAL B 85 9.46 -18.22 -3.41
N PHE B 86 10.14 -17.67 -4.37
CA PHE B 86 10.79 -18.46 -5.41
C PHE B 86 11.60 -19.70 -5.06
N GLY B 87 12.28 -19.70 -3.91
CA GLY B 87 13.15 -20.75 -3.45
C GLY B 87 12.45 -21.72 -2.55
N LEU B 88 11.54 -21.25 -1.69
CA LEU B 88 10.52 -22.19 -1.25
C LEU B 88 9.94 -23.00 -2.43
N GLY B 89 9.36 -22.36 -3.48
CA GLY B 89 9.07 -23.09 -4.72
C GLY B 89 10.10 -24.22 -4.94
N TRP B 90 11.40 -23.85 -5.01
CA TRP B 90 12.35 -24.64 -5.77
C TRP B 90 12.49 -25.91 -4.95
N ARG B 91 12.78 -25.65 -3.68
CA ARG B 91 13.01 -26.57 -2.62
C ARG B 91 11.81 -27.49 -2.50
N SER B 92 10.61 -27.09 -2.74
CA SER B 92 9.51 -27.97 -2.41
C SER B 92 9.37 -28.99 -3.53
N TYR B 93 9.54 -28.45 -4.73
CA TYR B 93 9.65 -29.22 -5.93
C TYR B 93 10.91 -30.03 -5.99
N LYS B 94 12.10 -29.69 -5.62
CA LYS B 94 13.20 -30.62 -5.47
C LYS B 94 13.11 -31.79 -4.46
N HIS B 95 12.82 -31.55 -3.20
CA HIS B 95 12.75 -32.42 -2.10
C HIS B 95 11.48 -33.17 -1.75
N VAL B 96 10.24 -32.78 -2.08
CA VAL B 96 9.06 -33.44 -1.52
C VAL B 96 8.00 -33.40 -2.58
N SER B 97 8.45 -33.16 -3.83
CA SER B 97 7.75 -33.47 -5.07
C SER B 97 6.81 -32.38 -5.52
N GLY B 98 6.84 -31.31 -4.73
CA GLY B 98 5.91 -30.18 -4.91
C GLY B 98 4.78 -30.43 -3.91
N GLN B 99 4.84 -31.51 -3.14
CA GLN B 99 3.64 -31.96 -2.48
C GLN B 99 3.54 -31.58 -1.02
N MET B 100 4.43 -30.77 -0.50
CA MET B 100 4.47 -30.27 0.89
C MET B 100 5.20 -28.94 0.83
N LEU B 101 5.16 -27.87 1.55
CA LEU B 101 5.94 -26.70 1.51
C LEU B 101 7.25 -26.87 2.32
N TYR B 102 8.40 -26.83 1.65
CA TYR B 102 9.64 -27.24 2.25
C TYR B 102 10.30 -25.91 2.64
N PHE B 103 9.72 -25.18 3.60
CA PHE B 103 10.36 -24.01 4.15
C PHE B 103 11.81 -24.21 4.60
N ALA B 104 12.08 -25.17 5.46
CA ALA B 104 13.42 -25.66 5.78
C ALA B 104 13.40 -27.15 6.05
N PRO B 105 14.65 -27.71 6.09
CA PRO B 105 14.76 -29.07 6.70
C PRO B 105 13.97 -29.21 8.00
N ASP B 106 14.14 -28.35 8.97
CA ASP B 106 13.27 -28.35 10.12
C ASP B 106 11.94 -27.68 10.05
N LEU B 107 11.42 -27.20 8.93
CA LEU B 107 10.01 -26.65 8.97
C LEU B 107 9.31 -27.19 7.74
N ILE B 108 8.70 -28.33 7.72
CA ILE B 108 8.05 -28.70 6.46
C ILE B 108 6.56 -28.59 6.56
N LEU B 109 5.77 -27.92 5.77
CA LEU B 109 4.33 -27.94 5.96
C LEU B 109 3.61 -28.88 4.99
N ASN B 110 2.97 -29.92 5.47
CA ASN B 110 1.88 -30.65 4.81
C ASN B 110 0.51 -30.03 4.98
N GLU B 111 -0.51 -30.64 4.40
CA GLU B 111 -1.84 -30.08 4.29
C GLU B 111 -2.61 -30.00 5.58
N GLN B 112 -2.35 -30.92 6.44
CA GLN B 112 -2.76 -30.98 7.82
C GLN B 112 -2.34 -29.74 8.56
N ARG B 113 -1.15 -29.71 9.14
CA ARG B 113 -0.46 -28.52 9.54
C ARG B 113 -0.84 -27.17 8.96
N MET B 114 -0.83 -27.09 7.65
CA MET B 114 -1.57 -26.18 6.84
C MET B 114 -2.94 -26.02 7.42
N LYS B 115 -4.00 -26.74 7.06
CA LYS B 115 -5.37 -26.71 7.50
C LYS B 115 -5.67 -25.76 8.66
N GLU B 116 -5.01 -26.07 9.77
CA GLU B 116 -5.28 -25.62 11.11
C GLU B 116 -4.19 -24.62 11.47
N SER B 117 -3.84 -23.66 10.62
CA SER B 117 -2.61 -22.92 10.77
C SER B 117 -2.78 -21.41 10.87
N SER B 118 -3.87 -20.88 10.32
CA SER B 118 -4.36 -19.52 10.26
C SER B 118 -4.02 -18.82 8.93
N PHE B 119 -3.44 -19.63 8.03
CA PHE B 119 -2.96 -19.01 6.80
C PHE B 119 -2.86 -20.05 5.72
N TYR B 120 -3.69 -21.08 5.86
CA TYR B 120 -3.96 -22.05 4.80
C TYR B 120 -4.20 -21.36 3.45
N SER B 121 -4.86 -20.22 3.45
CA SER B 121 -5.25 -19.55 2.25
C SER B 121 -4.06 -18.86 1.59
N LEU B 122 -3.15 -18.47 2.52
CA LEU B 122 -1.85 -17.99 2.06
C LEU B 122 -1.03 -19.19 1.60
N CYS B 123 -0.88 -20.15 2.51
CA CYS B 123 -0.22 -21.38 2.08
C CYS B 123 -0.64 -21.98 0.75
N LEU B 124 -1.92 -22.05 0.41
CA LEU B 124 -2.30 -22.46 -0.93
C LEU B 124 -1.71 -21.54 -1.96
N THR B 125 -1.65 -20.22 -1.82
CA THR B 125 -1.02 -19.35 -2.81
C THR B 125 0.49 -19.57 -3.07
N MET B 126 1.22 -19.73 -1.97
CA MET B 126 2.62 -20.07 -1.95
C MET B 126 2.88 -21.32 -2.71
N TRP B 127 2.14 -22.35 -2.43
CA TRP B 127 2.01 -23.65 -3.11
C TRP B 127 1.85 -23.58 -4.63
N GLN B 128 1.43 -22.48 -5.22
CA GLN B 128 1.31 -22.36 -6.67
C GLN B 128 2.63 -22.53 -7.41
N ILE B 129 3.64 -21.90 -6.80
CA ILE B 129 4.99 -21.94 -7.33
C ILE B 129 5.47 -23.37 -7.49
N PRO B 130 5.51 -24.17 -6.43
CA PRO B 130 6.03 -25.50 -6.51
C PRO B 130 5.41 -26.32 -7.62
N GLN B 131 4.12 -26.04 -7.88
CA GLN B 131 3.27 -26.77 -8.79
C GLN B 131 3.57 -26.22 -10.16
N GLU B 132 3.95 -24.95 -10.27
CA GLU B 132 4.23 -24.51 -11.64
C GLU B 132 5.56 -25.01 -12.18
N PHE B 133 6.38 -25.50 -11.30
CA PHE B 133 7.75 -25.93 -11.43
C PHE B 133 7.78 -27.39 -11.89
N VAL B 134 6.82 -28.04 -11.19
CA VAL B 134 6.54 -29.46 -11.38
C VAL B 134 5.98 -29.43 -12.80
N LYS B 135 5.12 -28.46 -12.99
CA LYS B 135 4.36 -28.44 -14.27
C LYS B 135 5.39 -28.22 -15.34
N LEU B 136 6.34 -27.30 -15.09
CA LEU B 136 7.24 -26.80 -16.12
C LEU B 136 8.48 -27.65 -16.32
N GLN B 137 8.68 -28.61 -15.42
CA GLN B 137 10.02 -29.25 -15.37
C GLN B 137 11.21 -28.27 -15.56
N VAL B 138 11.34 -27.15 -14.89
CA VAL B 138 12.35 -26.30 -14.43
C VAL B 138 13.59 -26.98 -13.76
N SER B 139 14.62 -26.53 -14.56
CA SER B 139 15.97 -27.12 -14.35
C SER B 139 16.71 -26.30 -13.33
N GLN B 140 17.65 -26.85 -12.57
CA GLN B 140 18.71 -26.05 -11.93
C GLN B 140 19.25 -24.80 -12.65
N GLU B 141 19.52 -24.92 -13.95
CA GLU B 141 20.25 -23.91 -14.67
C GLU B 141 19.33 -22.72 -14.78
N GLU B 142 18.07 -23.10 -15.07
CA GLU B 142 17.12 -21.98 -15.37
C GLU B 142 16.65 -21.39 -14.05
N PHE B 143 16.52 -22.23 -12.99
CA PHE B 143 16.30 -21.72 -11.65
C PHE B 143 17.34 -20.71 -11.23
N LEU B 144 18.60 -21.13 -11.25
CA LEU B 144 19.69 -20.17 -11.01
C LEU B 144 19.61 -18.89 -11.82
N CYS B 145 19.76 -18.66 -13.08
CA CYS B 145 19.32 -17.53 -13.84
C CYS B 145 18.04 -16.82 -13.50
N MET B 146 16.93 -17.54 -13.07
CA MET B 146 15.69 -16.70 -13.10
C MET B 146 15.60 -16.09 -11.70
N LYS B 147 16.33 -16.82 -10.83
CA LYS B 147 16.47 -16.23 -9.47
C LYS B 147 17.17 -14.89 -9.60
N VAL B 148 18.30 -14.79 -10.30
CA VAL B 148 19.06 -13.55 -10.39
C VAL B 148 18.11 -12.51 -11.01
N LEU B 149 17.45 -12.96 -12.08
CA LEU B 149 16.39 -12.11 -12.63
C LEU B 149 15.38 -11.58 -11.65
N LEU B 150 14.82 -12.23 -10.65
CA LEU B 150 14.11 -11.65 -9.52
C LEU B 150 14.84 -10.64 -8.62
N LEU B 151 16.16 -10.84 -8.39
CA LEU B 151 16.94 -9.86 -7.71
C LEU B 151 17.04 -8.57 -8.54
N LEU B 152 17.07 -8.60 -9.86
CA LEU B 152 16.89 -7.40 -10.66
C LEU B 152 15.47 -7.15 -11.27
N ASN B 153 14.36 -7.72 -10.68
CA ASN B 153 13.10 -7.43 -11.25
C ASN B 153 12.37 -6.09 -11.05
N THR B 154 12.69 -5.14 -10.24
CA THR B 154 11.85 -4.11 -9.72
C THR B 154 12.70 -2.88 -9.42
N ILE B 155 12.71 -1.68 -9.91
CA ILE B 155 13.37 -0.61 -9.20
C ILE B 155 12.45 0.51 -8.84
N PRO B 156 12.92 1.55 -8.17
CA PRO B 156 12.14 2.77 -7.98
C PRO B 156 11.70 3.40 -9.30
N LEU B 157 10.61 4.16 -9.21
CA LEU B 157 10.12 5.01 -10.28
C LEU B 157 11.11 6.07 -10.78
N GLU B 158 12.10 6.49 -10.02
CA GLU B 158 13.12 7.41 -10.44
C GLU B 158 14.29 6.68 -11.14
N GLY B 159 14.24 5.38 -11.26
CA GLY B 159 15.37 4.54 -11.56
C GLY B 159 16.41 4.44 -10.46
N LEU B 160 17.45 3.63 -10.69
CA LEU B 160 18.65 3.47 -9.85
C LEU B 160 19.68 4.56 -9.95
N ARG B 161 20.61 4.65 -8.99
CA ARG B 161 21.84 5.42 -9.25
C ARG B 161 22.72 4.82 -10.31
N SER B 162 23.12 3.63 -10.46
CA SER B 162 23.77 2.93 -11.49
C SER B 162 22.93 2.31 -12.57
N GLN B 163 21.86 2.94 -12.99
CA GLN B 163 21.02 2.43 -14.02
C GLN B 163 21.84 1.75 -15.08
N THR B 164 22.77 2.37 -15.75
CA THR B 164 23.44 1.79 -16.92
C THR B 164 23.93 0.40 -16.61
N GLN B 165 24.90 0.28 -15.69
CA GLN B 165 25.23 -0.93 -14.98
C GLN B 165 24.12 -1.95 -14.82
N PHE B 166 23.10 -1.49 -14.14
CA PHE B 166 21.85 -2.23 -13.88
C PHE B 166 21.35 -2.86 -15.14
N GLU B 167 21.30 -2.04 -16.19
CA GLU B 167 20.69 -2.55 -17.43
C GLU B 167 21.66 -3.56 -18.04
N GLU B 168 22.92 -3.17 -18.09
CA GLU B 168 23.98 -4.08 -18.54
C GLU B 168 23.94 -5.49 -17.98
N MET B 169 23.81 -5.62 -16.67
CA MET B 169 23.70 -6.84 -15.90
C MET B 169 22.45 -7.66 -16.10
N ARG B 170 21.32 -6.94 -16.01
CA ARG B 170 20.01 -7.53 -16.35
C ARG B 170 20.06 -8.15 -17.74
N SER B 171 20.61 -7.54 -18.76
CA SER B 171 20.69 -8.02 -20.10
C SER B 171 21.50 -9.30 -20.25
N SER B 172 22.71 -9.30 -19.66
CA SER B 172 23.60 -10.43 -19.61
C SER B 172 22.99 -11.52 -18.78
N TYR B 173 22.28 -11.29 -17.72
CA TYR B 173 21.51 -12.45 -17.28
C TYR B 173 20.28 -12.80 -18.08
N ILE B 174 19.50 -11.95 -18.73
CA ILE B 174 18.40 -12.59 -19.55
C ILE B 174 18.98 -13.58 -20.52
N ARG B 175 20.04 -13.25 -21.26
CA ARG B 175 21.01 -13.94 -22.06
C ARG B 175 21.63 -15.21 -21.51
N GLU B 176 21.85 -15.26 -20.15
CA GLU B 176 22.35 -16.45 -19.55
C GLU B 176 21.21 -17.42 -19.53
N LEU B 177 19.98 -17.04 -19.38
CA LEU B 177 18.71 -17.73 -19.25
C LEU B 177 18.29 -18.40 -20.58
N ILE B 178 18.57 -17.62 -21.64
CA ILE B 178 18.60 -18.25 -22.98
C ILE B 178 19.73 -19.23 -23.25
N LYS B 179 20.93 -19.09 -22.69
CA LYS B 179 21.86 -20.22 -22.59
C LYS B 179 21.41 -21.44 -21.79
N ALA B 180 20.49 -21.38 -20.81
CA ALA B 180 20.09 -22.45 -19.96
C ALA B 180 18.94 -23.27 -20.54
N ILE B 181 18.00 -22.52 -21.05
CA ILE B 181 16.91 -22.96 -21.89
C ILE B 181 17.55 -23.70 -23.06
N GLY B 182 18.60 -23.14 -23.66
CA GLY B 182 19.43 -23.75 -24.66
C GLY B 182 20.01 -25.12 -24.35
N LEU B 183 19.95 -25.63 -23.15
CA LEU B 183 20.78 -26.75 -22.76
C LEU B 183 20.04 -28.06 -23.08
N ARG B 184 18.73 -27.86 -23.27
CA ARG B 184 17.71 -28.89 -23.22
C ARG B 184 16.72 -28.60 -24.32
N GLN B 185 15.96 -27.51 -24.27
CA GLN B 185 15.11 -27.08 -25.36
C GLN B 185 15.99 -26.74 -26.58
N LYS B 186 16.42 -27.80 -27.26
CA LYS B 186 16.88 -27.68 -28.62
C LYS B 186 15.67 -27.59 -29.56
N GLY B 187 14.96 -26.48 -29.59
CA GLY B 187 14.27 -26.07 -30.82
C GLY B 187 14.86 -24.75 -31.31
N VAL B 188 14.01 -23.89 -31.75
CA VAL B 188 14.18 -22.50 -32.16
C VAL B 188 12.77 -21.87 -31.98
N VAL B 189 11.83 -22.79 -32.21
CA VAL B 189 10.46 -22.66 -31.81
C VAL B 189 10.26 -23.07 -30.35
N SER B 190 10.76 -24.21 -29.89
CA SER B 190 10.61 -24.62 -28.51
C SER B 190 11.26 -23.65 -27.54
N SER B 191 12.57 -23.51 -27.75
CA SER B 191 13.38 -22.52 -27.08
C SER B 191 12.67 -21.21 -26.81
N SER B 192 12.06 -20.65 -27.85
CA SER B 192 11.35 -19.38 -27.78
C SER B 192 10.17 -19.49 -26.82
N GLN B 193 9.40 -20.54 -26.92
CA GLN B 193 8.12 -20.66 -26.24
C GLN B 193 8.36 -20.79 -24.75
N ARG B 194 9.30 -21.68 -24.40
CA ARG B 194 9.99 -21.75 -23.13
C ARG B 194 10.56 -20.45 -22.55
N PHE B 195 11.37 -19.67 -23.20
CA PHE B 195 11.61 -18.29 -22.83
C PHE B 195 10.40 -17.51 -22.39
N TYR B 196 9.41 -17.39 -23.23
CA TYR B 196 8.13 -16.76 -22.89
C TYR B 196 7.54 -17.31 -21.59
N GLN B 197 7.56 -18.63 -21.49
CA GLN B 197 6.91 -19.30 -20.38
C GLN B 197 7.64 -18.99 -19.07
N LEU B 198 8.99 -18.90 -19.18
CA LEU B 198 9.72 -18.84 -17.91
C LEU B 198 9.79 -17.37 -17.61
N THR B 199 9.77 -16.50 -18.60
CA THR B 199 9.43 -15.10 -18.30
C THR B 199 7.98 -14.84 -17.94
N LYS B 200 6.89 -15.31 -18.52
CA LYS B 200 5.60 -15.04 -17.86
C LYS B 200 5.54 -15.53 -16.42
N LEU B 201 6.08 -16.67 -16.07
CA LEU B 201 6.18 -17.10 -14.71
C LEU B 201 6.70 -16.11 -13.71
N LEU B 202 7.77 -15.43 -14.06
CA LEU B 202 8.29 -14.44 -13.14
C LEU B 202 7.42 -13.21 -13.16
N ASP B 203 6.79 -12.88 -14.25
CA ASP B 203 5.84 -11.79 -14.48
C ASP B 203 4.71 -11.95 -13.50
N ASN B 204 4.29 -13.21 -13.48
CA ASN B 204 3.16 -13.61 -12.69
C ASN B 204 3.37 -13.60 -11.19
N LEU B 205 4.55 -13.63 -10.65
CA LEU B 205 4.80 -13.70 -9.24
C LEU B 205 4.63 -12.35 -8.61
N HIS B 206 4.70 -11.24 -9.34
CA HIS B 206 4.46 -9.95 -8.69
C HIS B 206 3.18 -10.02 -7.90
N ASP B 207 2.08 -10.18 -8.61
CA ASP B 207 0.75 -10.44 -8.13
C ASP B 207 0.71 -11.21 -6.85
N LEU B 208 1.08 -12.48 -6.95
CA LEU B 208 1.37 -13.35 -5.81
C LEU B 208 2.20 -12.78 -4.67
N VAL B 209 3.36 -12.17 -4.94
CA VAL B 209 4.05 -11.43 -3.92
C VAL B 209 3.18 -10.39 -3.26
N LYS B 210 2.24 -9.72 -3.97
CA LYS B 210 1.61 -8.55 -3.40
C LYS B 210 0.63 -8.90 -2.31
N GLN B 211 0.26 -10.13 -2.43
CA GLN B 211 -0.34 -10.96 -1.42
C GLN B 211 0.48 -11.33 -0.24
N LEU B 212 1.61 -12.03 -0.32
CA LEU B 212 2.50 -12.05 0.87
C LEU B 212 2.64 -10.63 1.40
N HIS B 213 2.80 -9.57 0.59
CA HIS B 213 3.25 -8.30 1.14
C HIS B 213 2.41 -7.61 2.19
N LEU B 214 1.24 -7.31 1.65
CA LEU B 214 0.07 -7.02 2.46
C LEU B 214 -0.14 -7.94 3.64
N TYR B 215 -0.08 -9.26 3.53
CA TYR B 215 -0.12 -10.26 4.59
C TYR B 215 0.89 -9.93 5.68
N CYS B 216 2.08 -9.55 5.20
CA CYS B 216 3.21 -9.31 5.99
C CYS B 216 3.03 -7.98 6.71
N LEU B 217 2.68 -6.90 5.96
CA LEU B 217 2.50 -5.66 6.75
C LEU B 217 1.36 -5.76 7.81
N ASN B 218 0.26 -6.45 7.47
CA ASN B 218 -0.77 -6.63 8.47
C ASN B 218 -0.32 -7.31 9.74
N THR B 219 0.59 -8.30 9.61
CA THR B 219 0.99 -9.11 10.73
C THR B 219 2.04 -8.32 11.45
N PHE B 220 2.80 -7.49 10.71
CA PHE B 220 3.77 -6.58 11.41
C PHE B 220 3.04 -5.60 12.29
N ILE B 221 2.35 -4.61 11.75
CA ILE B 221 1.44 -3.79 12.50
C ILE B 221 0.62 -4.47 13.56
N GLN B 222 -0.02 -5.64 13.39
CA GLN B 222 -0.69 -6.22 14.56
C GLN B 222 0.09 -7.20 15.41
N SER B 223 1.40 -7.29 15.27
CA SER B 223 2.21 -8.26 15.88
C SER B 223 2.10 -8.33 17.38
N ARG B 224 1.84 -7.37 18.17
CA ARG B 224 1.78 -7.43 19.61
C ARG B 224 0.41 -7.92 20.15
N ALA B 225 -0.59 -7.80 19.30
CA ALA B 225 -1.87 -8.37 19.59
C ALA B 225 -1.63 -9.82 19.22
N LEU B 226 -1.07 -10.12 18.06
CA LEU B 226 -0.98 -11.50 17.60
C LEU B 226 0.14 -12.33 18.17
N SER B 227 1.00 -11.76 18.98
CA SER B 227 2.11 -12.47 19.61
C SER B 227 3.21 -12.95 18.64
N VAL B 228 3.32 -12.27 17.50
CA VAL B 228 4.37 -12.74 16.63
C VAL B 228 5.59 -11.80 16.79
N GLU B 229 6.73 -12.45 16.98
CA GLU B 229 8.01 -11.74 16.90
C GLU B 229 8.60 -11.61 15.49
N PHE B 230 8.72 -10.37 15.00
CA PHE B 230 9.58 -10.02 13.87
C PHE B 230 11.01 -9.68 14.31
N PRO B 231 12.05 -10.35 13.82
CA PRO B 231 13.41 -9.96 14.06
C PRO B 231 13.87 -8.66 13.45
N GLU B 232 14.59 -7.80 14.14
CA GLU B 232 15.42 -6.73 13.54
C GLU B 232 15.68 -6.54 12.05
N MET B 233 16.31 -7.45 11.33
CA MET B 233 16.74 -7.05 9.99
C MET B 233 15.48 -6.96 9.14
N MET B 234 14.72 -8.04 9.21
CA MET B 234 13.40 -8.21 8.63
C MET B 234 12.49 -7.07 9.04
N SER B 235 12.37 -6.57 10.24
CA SER B 235 11.62 -5.46 10.70
C SER B 235 11.96 -4.21 9.93
N GLU B 236 13.20 -4.06 9.53
CA GLU B 236 13.86 -2.93 8.90
C GLU B 236 13.43 -2.78 7.44
N VAL B 237 13.67 -3.79 6.66
CA VAL B 237 13.13 -3.82 5.33
C VAL B 237 11.64 -3.58 5.28
N ILE B 238 10.78 -4.11 6.11
CA ILE B 238 9.36 -4.00 6.16
C ILE B 238 8.93 -2.56 6.36
N ALA B 239 9.48 -1.81 7.32
CA ALA B 239 9.08 -0.48 7.66
C ALA B 239 9.59 0.36 6.50
N ALA B 240 10.83 0.13 6.17
CA ALA B 240 11.49 0.83 5.11
C ALA B 240 10.77 0.75 3.80
N GLN B 241 10.25 -0.35 3.28
CA GLN B 241 9.84 -0.27 1.89
C GLN B 241 8.46 -0.86 1.62
N LEU B 242 7.74 -1.37 2.63
CA LEU B 242 6.68 -2.26 2.19
C LEU B 242 5.36 -1.55 1.95
N PRO B 243 5.11 -0.54 2.80
CA PRO B 243 4.05 0.38 2.53
C PRO B 243 4.28 1.00 1.16
N LYS B 244 5.28 1.82 0.88
CA LYS B 244 5.68 2.29 -0.43
C LYS B 244 5.71 1.23 -1.51
N ILE B 245 6.21 0.03 -1.41
CA ILE B 245 5.93 -1.01 -2.41
C ILE B 245 4.45 -1.35 -2.42
N LEU B 246 3.72 -1.50 -1.31
CA LEU B 246 2.29 -1.90 -1.49
C LEU B 246 1.47 -0.72 -2.04
N ALA B 247 1.73 0.56 -1.81
CA ALA B 247 1.11 1.66 -2.46
C ALA B 247 1.40 1.74 -3.93
N GLY B 248 2.04 0.79 -4.57
CA GLY B 248 2.54 0.85 -5.92
C GLY B 248 3.63 1.84 -6.29
N MET B 249 4.37 2.43 -5.37
CA MET B 249 5.20 3.57 -5.60
C MET B 249 6.59 3.06 -5.96
N VAL B 250 6.72 1.90 -6.59
CA VAL B 250 7.82 1.41 -7.36
C VAL B 250 7.57 0.88 -8.78
N LYS B 251 8.51 0.85 -9.71
CA LYS B 251 8.35 0.30 -11.02
C LYS B 251 8.63 -1.19 -11.16
N PRO B 252 7.57 -1.86 -11.59
CA PRO B 252 7.83 -3.29 -11.89
C PRO B 252 8.43 -3.40 -13.27
N LEU B 253 9.39 -4.30 -13.37
CA LEU B 253 9.98 -4.50 -14.70
C LEU B 253 9.16 -5.61 -15.29
N LEU B 254 8.45 -5.39 -16.37
CA LEU B 254 7.78 -6.56 -16.94
C LEU B 254 8.42 -7.11 -18.18
N PHE B 255 8.71 -8.40 -18.24
CA PHE B 255 9.01 -9.05 -19.51
C PHE B 255 7.92 -9.08 -20.58
N HIS B 256 6.62 -9.21 -20.28
CA HIS B 256 5.56 -9.07 -21.28
C HIS B 256 4.63 -7.87 -21.23
C1 R18 C . -5.85 17.11 10.70
C2 R18 C . -7.31 17.34 10.28
C3 R18 C . -7.33 18.29 9.10
C4 R18 C . -6.34 17.97 8.09
C5 R18 C . -5.61 16.88 8.18
C6 R18 C . -5.32 15.94 7.03
C7 R18 C . -3.78 15.72 7.21
C8 R18 C . -3.71 14.79 8.43
C9 R18 C . -4.28 15.40 9.70
C10 R18 C . -5.12 16.48 9.50
C11 R18 C . -3.74 14.81 11.03
C12 R18 C . -2.95 13.77 10.94
C13 R18 C . -2.27 13.27 9.70
C14 R18 C . -2.22 14.41 8.66
C15 R18 C . -1.51 13.76 7.47
C16 R18 C . -0.67 12.56 8.07
C17 R18 C . -0.74 12.70 9.60
C18 R18 C . -3.34 12.17 9.30
C27 R18 C . 0.20 13.74 10.30
O83 R18 C . -8.13 19.24 8.95
O97 R18 C . -0.42 11.49 10.25
C1 R18 D . 9.95 -17.98 5.12
C2 R18 D . 11.20 -18.26 4.24
C3 R18 D . 10.72 -18.98 3.04
C4 R18 D . 9.44 -18.58 2.46
C5 R18 D . 8.72 -17.54 2.95
C6 R18 D . 7.73 -16.87 2.07
C7 R18 D . 6.73 -16.29 3.08
C8 R18 D . 7.33 -15.31 4.07
C9 R18 D . 8.32 -16.06 4.92
C10 R18 D . 8.97 -17.08 4.35
C11 R18 D . 8.55 -15.66 6.33
C12 R18 D . 7.87 -14.70 6.97
C13 R18 D . 6.79 -14.02 6.15
C14 R18 D . 6.22 -14.99 5.12
C15 R18 D . 4.91 -14.29 4.71
C16 R18 D . 4.43 -13.47 5.98
C17 R18 D . 5.53 -13.71 7.03
C18 R18 D . 7.19 -12.58 5.68
C27 R18 D . 5.06 -14.73 8.13
O83 R18 D . 11.24 -19.85 2.42
O97 R18 D . 6.00 -12.68 7.91
#